data_3J1R
#
_entry.id   3J1R
#
_cell.length_a   1
_cell.length_b   1
_cell.length_c   1
_cell.angle_alpha   90.00
_cell.angle_beta   90.00
_cell.angle_gamma   90.00
#
_symmetry.space_group_name_H-M   'P 1'
#
_entity_poly.entity_id   1
_entity_poly.type   'polypeptide(L)'
_entity_poly.pdbx_seq_one_letter_code
;VSPVIATLLLILIAVAAAVLLYTWVS
;
_entity_poly.pdbx_strand_id   A,B,C,D,E,F,G,H,I,J,K,L,M,N,O,P,Q,R,S,T,U
#
# COMPACT_ATOMS: atom_id res chain seq x y z
N VAL A 1 52.64 34.20 -35.24
CA VAL A 1 52.10 33.36 -34.19
C VAL A 1 51.48 32.09 -34.75
N SER A 2 52.25 31.37 -35.56
CA SER A 2 51.79 30.13 -36.17
C SER A 2 51.88 28.96 -35.19
N PRO A 3 53.04 28.80 -34.58
CA PRO A 3 53.26 27.71 -33.60
C PRO A 3 52.02 27.45 -32.76
N VAL A 4 51.40 28.53 -32.29
CA VAL A 4 50.20 28.43 -31.47
C VAL A 4 49.14 27.56 -32.15
N ILE A 5 49.02 27.70 -33.47
CA ILE A 5 48.04 26.93 -34.23
C ILE A 5 48.36 25.45 -34.18
N ALA A 6 49.62 25.10 -34.43
CA ALA A 6 50.05 23.70 -34.39
C ALA A 6 49.94 23.13 -32.98
N THR A 7 50.44 23.88 -32.01
CA THR A 7 50.40 23.46 -30.62
C THR A 7 49.00 23.11 -30.16
N LEU A 8 48.01 23.71 -30.81
CA LEU A 8 46.61 23.45 -30.46
C LEU A 8 46.06 22.27 -31.25
N LEU A 9 46.68 21.99 -32.40
CA LEU A 9 46.24 20.88 -33.25
C LEU A 9 46.41 19.53 -32.57
N LEU A 10 47.64 19.16 -32.26
CA LEU A 10 47.90 17.88 -31.62
C LEU A 10 47.10 17.73 -30.33
N ILE A 11 46.89 18.85 -29.64
CA ILE A 11 46.12 18.83 -28.41
C ILE A 11 44.68 18.42 -28.70
N LEU A 12 44.12 18.99 -29.76
CA LEU A 12 42.75 18.65 -30.16
C LEU A 12 42.66 17.17 -30.49
N ILE A 13 43.75 16.63 -31.03
CA ILE A 13 43.81 15.22 -31.40
C ILE A 13 43.84 14.39 -30.11
N ALA A 14 44.52 14.92 -29.10
CA ALA A 14 44.62 14.25 -27.81
C ALA A 14 43.24 14.17 -27.17
N VAL A 15 42.40 15.15 -27.47
CA VAL A 15 41.05 15.20 -26.93
C VAL A 15 40.16 14.21 -27.68
N ALA A 16 40.20 14.27 -29.00
CA ALA A 16 39.42 13.37 -29.85
C ALA A 16 39.75 11.93 -29.48
N ALA A 17 41.03 11.65 -29.30
CA ALA A 17 41.48 10.31 -28.94
C ALA A 17 40.98 9.96 -27.54
N ALA A 18 41.03 10.95 -26.65
CA ALA A 18 40.57 10.75 -25.28
C ALA A 18 39.09 10.41 -25.26
N VAL A 19 38.34 11.01 -26.19
CA VAL A 19 36.91 10.76 -26.30
C VAL A 19 36.67 9.35 -26.79
N LEU A 20 37.51 8.90 -27.72
CA LEU A 20 37.39 7.56 -28.29
C LEU A 20 37.80 6.52 -27.24
N LEU A 21 38.16 6.99 -26.06
CA LEU A 21 38.57 6.12 -24.97
C LEU A 21 37.54 6.16 -23.85
N TYR A 22 37.04 7.35 -23.55
CA TYR A 22 36.05 7.52 -22.49
C TYR A 22 34.77 6.77 -22.87
N THR A 23 34.67 6.40 -24.13
CA THR A 23 33.50 5.65 -24.62
C THR A 23 33.77 4.16 -24.48
N TRP A 24 35.04 3.80 -24.55
CA TRP A 24 35.46 2.40 -24.43
C TRP A 24 35.40 2.00 -22.96
N VAL A 25 35.66 2.94 -22.07
CA VAL A 25 35.66 2.68 -20.64
C VAL A 25 34.23 2.61 -20.11
N SER A 26 33.40 3.55 -20.57
CA SER A 26 32.00 3.60 -20.14
C SER A 26 31.25 2.36 -20.61
N VAL B 1 53.66 29.41 -26.60
CA VAL B 1 52.41 29.39 -25.84
C VAL B 1 52.55 28.55 -24.58
N SER B 2 53.57 28.86 -23.79
CA SER B 2 53.81 28.13 -22.54
C SER B 2 52.91 28.63 -21.42
N PRO B 3 52.88 29.94 -21.22
CA PRO B 3 52.03 30.56 -20.17
C PRO B 3 50.71 29.81 -20.02
N VAL B 4 50.08 29.51 -21.16
CA VAL B 4 48.81 28.80 -21.15
C VAL B 4 48.87 27.53 -20.31
N ILE B 5 50.00 26.83 -20.41
CA ILE B 5 50.18 25.59 -19.64
C ILE B 5 50.17 25.87 -18.15
N ALA B 6 50.94 26.87 -17.72
CA ALA B 6 51.01 27.22 -16.31
C ALA B 6 49.67 27.75 -15.81
N THR B 7 49.08 28.66 -16.58
CA THR B 7 47.79 29.25 -16.24
C THR B 7 46.73 28.19 -15.99
N LEU B 8 46.90 27.03 -16.61
CA LEU B 8 45.95 25.94 -16.45
C LEU B 8 46.32 25.06 -15.26
N LEU B 9 47.60 25.08 -14.88
CA LEU B 9 48.09 24.28 -13.75
C LEU B 9 47.47 24.70 -12.43
N LEU B 10 47.73 25.93 -12.01
CA LEU B 10 47.18 26.43 -10.75
C LEU B 10 45.66 26.29 -10.71
N ILE B 11 45.03 26.44 -11.87
CA ILE B 11 43.58 26.32 -11.96
C ILE B 11 43.16 24.90 -11.60
N LEU B 12 43.89 23.92 -12.14
CA LEU B 12 43.61 22.51 -11.88
C LEU B 12 43.77 22.25 -10.38
N ILE B 13 44.70 22.96 -9.76
CA ILE B 13 44.96 22.82 -8.33
C ILE B 13 43.77 23.40 -7.57
N ALA B 14 43.21 24.48 -8.11
CA ALA B 14 42.06 25.14 -7.49
C ALA B 14 40.86 24.19 -7.52
N VAL B 15 40.83 23.33 -8.53
CA VAL B 15 39.74 22.37 -8.68
C VAL B 15 39.93 21.22 -7.70
N ALA B 16 41.14 20.66 -7.69
CA ALA B 16 41.47 19.56 -6.80
C ALA B 16 41.20 19.98 -5.36
N ALA B 17 41.59 21.19 -5.02
CA ALA B 17 41.39 21.72 -3.68
C ALA B 17 39.89 21.90 -3.43
N ALA B 18 39.19 22.38 -4.45
CA ALA B 18 37.75 22.59 -4.35
C ALA B 18 37.04 21.26 -4.09
N VAL B 19 37.57 20.20 -4.68
CA VAL B 19 37.00 18.86 -4.51
C VAL B 19 37.24 18.39 -3.08
N LEU B 20 38.42 18.70 -2.54
CA LEU B 20 38.77 18.31 -1.19
C LEU B 20 37.96 19.12 -0.18
N LEU B 21 37.10 19.99 -0.70
CA LEU B 21 36.25 20.83 0.15
C LEU B 21 34.80 20.42 0.01
N TYR B 22 34.39 20.14 -1.23
CA TYR B 22 33.01 19.74 -1.51
C TYR B 22 32.72 18.41 -0.81
N THR B 23 33.77 17.73 -0.38
CA THR B 23 33.62 16.46 0.32
C THR B 23 33.52 16.72 1.82
N TRP B 24 34.14 17.82 2.25
CA TRP B 24 34.12 18.20 3.66
C TRP B 24 32.76 18.81 4.00
N VAL B 25 32.15 19.48 3.02
CA VAL B 25 30.85 20.11 3.22
C VAL B 25 29.74 19.07 3.18
N SER B 26 29.83 18.15 2.21
CA SER B 26 28.82 17.10 2.07
C SER B 26 28.81 16.18 3.29
N VAL C 1 46.10 34.12 -22.19
CA VAL C 1 44.86 33.35 -22.28
C VAL C 1 43.74 34.03 -21.50
N SER C 2 43.51 35.30 -21.79
CA SER C 2 42.46 36.07 -21.11
C SER C 2 41.10 35.77 -21.71
N PRO C 3 41.00 35.87 -23.03
CA PRO C 3 39.72 35.62 -23.73
C PRO C 3 38.94 34.48 -23.08
N VAL C 4 39.65 33.40 -22.74
CA VAL C 4 39.02 32.25 -22.12
C VAL C 4 38.21 32.66 -20.88
N ILE C 5 38.75 33.61 -20.12
CA ILE C 5 38.09 34.09 -18.92
C ILE C 5 36.76 34.76 -19.27
N ALA C 6 36.80 35.67 -20.24
CA ALA C 6 35.59 36.38 -20.66
C ALA C 6 34.59 35.41 -21.28
N THR C 7 35.08 34.56 -22.18
CA THR C 7 34.21 33.59 -22.86
C THR C 7 33.44 32.73 -21.88
N LEU C 8 33.98 32.57 -20.67
CA LEU C 8 33.34 31.77 -19.65
C LEU C 8 32.39 32.62 -18.81
N LEU C 9 32.64 33.93 -18.78
CA LEU C 9 31.81 34.84 -18.01
C LEU C 9 30.38 34.90 -18.53
N LEU C 10 30.20 35.36 -19.77
CA LEU C 10 28.87 35.46 -20.35
C LEU C 10 28.14 34.12 -20.29
N ILE C 11 28.90 33.03 -20.42
CA ILE C 11 28.31 31.70 -20.37
C ILE C 11 27.70 31.46 -18.99
N LEU C 12 28.45 31.83 -17.95
CA LEU C 12 27.98 31.67 -16.58
C LEU C 12 26.71 32.48 -16.38
N ILE C 13 26.63 33.61 -17.07
CA ILE C 13 25.46 34.48 -16.99
C ILE C 13 24.29 33.79 -17.66
N ALA C 14 24.59 33.07 -18.74
CA ALA C 14 23.57 32.35 -19.49
C ALA C 14 22.99 31.24 -18.62
N VAL C 15 23.81 30.72 -17.71
CA VAL C 15 23.39 29.67 -16.80
C VAL C 15 22.53 30.25 -15.69
N ALA C 16 23.02 31.32 -15.07
CA ALA C 16 22.31 31.99 -13.99
C ALA C 16 20.93 32.41 -14.49
N ALA C 17 20.89 32.95 -15.70
CA ALA C 17 19.64 33.38 -16.31
C ALA C 17 18.76 32.17 -16.58
N ALA C 18 19.38 31.09 -17.05
CA ALA C 18 18.66 29.85 -17.34
C ALA C 18 18.02 29.31 -16.06
N VAL C 19 18.70 29.49 -14.94
CA VAL C 19 18.20 29.03 -13.66
C VAL C 19 17.01 29.88 -13.23
N LEU C 20 17.09 31.18 -13.51
CA LEU C 20 16.01 32.10 -13.17
C LEU C 20 14.81 31.84 -14.07
N LEU C 21 14.93 30.88 -14.96
CA LEU C 21 13.86 30.53 -15.88
C LEU C 21 13.30 29.15 -15.55
N TYR C 22 14.19 28.22 -15.23
CA TYR C 22 13.80 26.86 -14.88
C TYR C 22 12.95 26.88 -13.61
N THR C 23 12.99 28.00 -12.90
CA THR C 23 12.21 28.15 -11.67
C THR C 23 10.85 28.74 -12.01
N TRP C 24 10.82 29.51 -13.10
CA TRP C 24 9.59 30.14 -13.55
C TRP C 24 8.72 29.11 -14.25
N VAL C 25 9.36 28.14 -14.89
CA VAL C 25 8.64 27.08 -15.60
C VAL C 25 8.10 26.05 -14.62
N SER C 26 8.93 25.68 -13.65
CA SER C 26 8.54 24.68 -12.65
C SER C 26 7.38 25.20 -11.80
N VAL D 1 39.09 29.49 -27.51
CA VAL D 1 38.55 28.33 -26.81
C VAL D 1 37.39 27.72 -27.58
N SER D 2 37.64 27.41 -28.85
CA SER D 2 36.62 26.81 -29.70
C SER D 2 36.51 25.30 -29.46
N PRO D 3 37.65 24.62 -29.49
CA PRO D 3 37.68 23.16 -29.26
C PRO D 3 36.67 22.73 -28.21
N VAL D 4 36.62 23.48 -27.11
CA VAL D 4 35.70 23.19 -26.02
C VAL D 4 34.26 23.03 -26.54
N ILE D 5 33.89 23.88 -27.50
CA ILE D 5 32.54 23.84 -28.07
C ILE D 5 32.31 22.52 -28.80
N ALA D 6 33.26 22.14 -29.64
CA ALA D 6 33.14 20.89 -30.40
C ALA D 6 33.17 19.69 -29.46
N THR D 7 34.13 19.69 -28.54
CA THR D 7 34.28 18.59 -27.59
C THR D 7 33.00 18.33 -26.82
N LEU D 8 32.17 19.36 -26.69
CA LEU D 8 30.91 19.23 -25.97
C LEU D 8 29.79 18.79 -26.91
N LEU D 9 29.96 19.06 -28.20
CA LEU D 9 28.97 18.68 -29.20
C LEU D 9 28.79 17.17 -29.32
N LEU D 10 29.84 16.47 -29.72
CA LEU D 10 29.76 15.02 -29.86
C LEU D 10 29.30 14.36 -28.56
N ILE D 11 29.68 14.95 -27.43
CA ILE D 11 29.27 14.42 -26.14
C ILE D 11 27.76 14.50 -25.99
N LEU D 12 27.20 15.65 -26.38
CA LEU D 12 25.76 15.84 -26.31
C LEU D 12 25.06 14.82 -27.20
N ILE D 13 25.71 14.46 -28.30
CA ILE D 13 25.17 13.48 -29.23
C ILE D 13 25.20 12.11 -28.57
N ALA D 14 26.25 11.88 -27.78
CA ALA D 14 26.40 10.61 -27.08
C ALA D 14 25.29 10.46 -26.05
N VAL D 15 24.82 11.59 -25.53
CA VAL D 15 23.74 11.60 -24.55
C VAL D 15 22.41 11.35 -25.23
N ALA D 16 22.15 12.10 -26.30
CA ALA D 16 20.92 11.96 -27.06
C ALA D 16 20.77 10.53 -27.53
N ALA D 17 21.86 9.95 -28.01
CA ALA D 17 21.87 8.57 -28.48
C ALA D 17 21.63 7.64 -27.30
N ALA D 18 22.24 7.96 -26.17
CA ALA D 18 22.10 7.14 -24.96
C ALA D 18 20.64 7.13 -24.52
N VAL D 19 19.96 8.27 -24.72
CA VAL D 19 18.56 8.39 -24.35
C VAL D 19 17.70 7.53 -25.28
N LEU D 20 18.08 7.51 -26.55
CA LEU D 20 17.34 6.74 -27.55
C LEU D 20 17.58 5.25 -27.32
N LEU D 21 18.37 4.93 -26.30
CA LEU D 21 18.68 3.55 -25.96
C LEU D 21 18.04 3.17 -24.64
N TYR D 22 18.10 4.09 -23.67
CA TYR D 22 17.52 3.85 -22.35
C TYR D 22 16.01 3.67 -22.47
N THR D 23 15.47 4.06 -23.62
CA THR D 23 14.03 3.93 -23.89
C THR D 23 13.77 2.58 -24.53
N TRP D 24 14.77 2.07 -25.25
CA TRP D 24 14.66 0.79 -25.92
C TRP D 24 14.82 -0.33 -24.90
N VAL D 25 15.61 -0.07 -23.86
CA VAL D 25 15.85 -1.06 -22.82
C VAL D 25 14.67 -1.13 -21.86
N SER D 26 14.16 0.04 -21.49
CA SER D 26 13.02 0.12 -20.57
C SER D 26 11.78 -0.51 -21.19
N VAL E 1 40.34 20.72 -23.01
CA VAL E 1 39.39 20.54 -21.92
C VAL E 1 39.52 19.14 -21.31
N SER E 2 40.74 18.77 -20.94
CA SER E 2 41.00 17.47 -20.35
C SER E 2 40.62 17.45 -18.88
N PRO E 3 41.12 18.42 -18.12
CA PRO E 3 40.84 18.52 -16.67
C PRO E 3 39.42 18.08 -16.36
N VAL E 4 38.47 18.55 -17.17
CA VAL E 4 37.06 18.22 -16.97
C VAL E 4 36.86 16.71 -16.87
N ILE E 5 37.61 15.96 -17.69
CA ILE E 5 37.50 14.51 -17.70
C ILE E 5 37.95 13.94 -16.35
N ALA E 6 39.11 14.37 -15.88
CA ALA E 6 39.64 13.90 -14.61
C ALA E 6 38.74 14.32 -13.45
N THR E 7 38.36 15.60 -13.45
CA THR E 7 37.50 16.14 -12.39
C THR E 7 36.22 15.33 -12.24
N LEU E 8 35.79 14.67 -13.31
CA LEU E 8 34.58 13.87 -13.29
C LEU E 8 34.89 12.44 -12.86
N LEU E 9 36.13 12.02 -13.05
CA LEU E 9 36.55 10.67 -12.68
C LEU E 9 36.46 10.42 -11.19
N LEU E 10 37.24 11.15 -10.41
CA LEU E 10 37.24 10.99 -8.95
C LEU E 10 35.83 11.13 -8.38
N ILE E 11 35.04 12.01 -9.01
CA ILE E 11 33.67 12.23 -8.57
C ILE E 11 32.86 10.94 -8.73
N LEU E 12 33.03 10.29 -9.89
CA LEU E 12 32.33 9.05 -10.17
C LEU E 12 32.74 8.00 -9.14
N ILE E 13 33.99 8.07 -8.70
CA ILE E 13 34.50 7.14 -7.70
C ILE E 13 33.83 7.43 -6.37
N ALA E 14 33.59 8.72 -6.11
CA ALA E 14 32.95 9.14 -4.87
C ALA E 14 31.52 8.61 -4.83
N VAL E 15 30.93 8.45 -6.01
CA VAL E 15 29.57 7.94 -6.13
C VAL E 15 29.56 6.43 -5.92
N ALA E 16 30.44 5.74 -6.62
CA ALA E 16 30.55 4.30 -6.52
C ALA E 16 30.80 3.92 -5.07
N ALA E 17 31.68 4.66 -4.41
CA ALA E 17 32.01 4.42 -3.02
C ALA E 17 30.79 4.71 -2.15
N ALA E 18 30.09 5.79 -2.49
CA ALA E 18 28.89 6.18 -1.75
C ALA E 18 27.84 5.08 -1.84
N VAL E 19 27.78 4.42 -3.00
CA VAL E 19 26.83 3.34 -3.21
C VAL E 19 27.21 2.14 -2.37
N LEU E 20 28.52 1.88 -2.26
CA LEU E 20 29.01 0.77 -1.47
C LEU E 20 28.82 1.04 0.01
N LEU E 21 28.25 2.20 0.33
CA LEU E 21 27.99 2.59 1.70
C LEU E 21 26.50 2.61 1.98
N TYR E 22 25.73 3.12 1.02
CA TYR E 22 24.28 3.20 1.16
C TYR E 22 23.70 1.79 1.27
N THR E 23 24.51 0.80 0.91
CA THR E 23 24.08 -0.59 0.96
C THR E 23 24.44 -1.17 2.33
N TRP E 24 25.50 -0.61 2.92
CA TRP E 24 25.96 -1.04 4.24
C TRP E 24 25.04 -0.47 5.31
N VAL E 25 24.49 0.71 5.05
CA VAL E 25 23.60 1.38 5.99
C VAL E 25 22.21 0.76 5.95
N SER E 26 21.73 0.50 4.73
CA SER E 26 20.41 -0.10 4.55
C SER E 26 20.36 -1.50 5.14
N VAL F 1 36.31 23.66 -14.42
CA VAL F 1 34.89 23.31 -14.34
C VAL F 1 34.32 23.66 -12.97
N SER F 2 34.51 24.91 -12.55
CA SER F 2 34.01 25.36 -11.26
C SER F 2 32.52 25.71 -11.34
N PRO F 3 32.16 26.51 -12.32
CA PRO F 3 30.74 26.92 -12.51
C PRO F 3 29.79 25.79 -12.16
N VAL F 4 30.11 24.59 -12.64
CA VAL F 4 29.28 23.41 -12.39
C VAL F 4 29.00 23.24 -10.91
N ILE F 5 30.01 23.52 -10.08
CA ILE F 5 29.87 23.39 -8.63
C ILE F 5 28.84 24.38 -8.10
N ALA F 6 28.97 25.64 -8.51
CA ALA F 6 28.04 26.68 -8.07
C ALA F 6 26.64 26.41 -8.59
N THR F 7 26.55 26.11 -9.89
CA THR F 7 25.26 25.83 -10.52
C THR F 7 24.50 24.74 -9.79
N LEU F 8 25.21 23.86 -9.11
CA LEU F 8 24.59 22.76 -8.37
C LEU F 8 24.25 23.19 -6.95
N LEU F 9 24.94 24.21 -6.46
CA LEU F 9 24.71 24.71 -5.10
C LEU F 9 23.33 25.31 -4.93
N LEU F 10 23.04 26.38 -5.66
CA LEU F 10 21.73 27.03 -5.56
C LEU F 10 20.61 26.03 -5.82
N ILE F 11 20.86 25.06 -6.70
CA ILE F 11 19.86 24.05 -7.01
C ILE F 11 19.56 23.22 -5.77
N LEU F 12 20.63 22.84 -5.05
CA LEU F 12 20.47 22.05 -3.83
C LEU F 12 19.67 22.85 -2.82
N ILE F 13 19.83 24.17 -2.85
CA ILE F 13 19.13 25.06 -1.93
C ILE F 13 17.65 25.07 -2.33
N ALA F 14 17.41 25.01 -3.63
CA ALA F 14 16.04 25.01 -4.15
C ALA F 14 15.33 23.73 -3.70
N VAL F 15 16.10 22.67 -3.52
CA VAL F 15 15.55 21.39 -3.08
C VAL F 15 15.26 21.44 -1.59
N ALA F 16 16.23 21.89 -0.82
CA ALA F 16 16.10 22.00 0.63
C ALA F 16 14.90 22.87 0.96
N ALA F 17 14.75 23.98 0.22
CA ALA F 17 13.64 24.89 0.41
C ALA F 17 12.35 24.21 0.02
N ALA F 18 12.40 23.45 -1.08
CA ALA F 18 11.23 22.73 -1.57
C ALA F 18 10.76 21.72 -0.53
N VAL F 19 11.72 21.13 0.18
CA VAL F 19 11.41 20.16 1.22
C VAL F 19 10.74 20.86 2.40
N LEU F 20 11.22 22.06 2.72
CA LEU F 20 10.67 22.83 3.82
C LEU F 20 9.27 23.34 3.46
N LEU F 21 8.82 23.00 2.26
CA LEU F 21 7.51 23.41 1.79
C LEU F 21 6.59 22.20 1.67
N TYR F 22 7.12 21.10 1.17
CA TYR F 22 6.36 19.86 1.01
C TYR F 22 5.91 19.36 2.38
N THR F 23 6.52 19.89 3.43
CA THR F 23 6.18 19.51 4.79
C THR F 23 5.09 20.43 5.32
N TRP F 24 5.08 21.66 4.79
CA TRP F 24 4.09 22.65 5.18
C TRP F 24 2.76 22.33 4.51
N VAL F 25 2.83 21.76 3.31
CA VAL F 25 1.63 21.41 2.56
C VAL F 25 1.00 20.13 3.10
N SER F 26 1.84 19.15 3.39
CA SER F 26 1.38 17.88 3.93
C SER F 26 0.73 18.06 5.30
N VAL G 1 27.04 24.03 -17.98
CA VAL G 1 26.30 22.81 -17.72
C VAL G 1 24.85 22.92 -18.16
N SER G 2 24.65 23.31 -19.41
CA SER G 2 23.31 23.47 -19.97
C SER G 2 22.73 22.11 -20.38
N PRO G 3 23.50 21.36 -21.15
CA PRO G 3 23.05 20.03 -21.63
C PRO G 3 22.24 19.30 -20.56
N VAL G 4 22.72 19.35 -19.33
CA VAL G 4 22.05 18.69 -18.21
C VAL G 4 20.59 19.11 -18.13
N ILE G 5 20.33 20.39 -18.39
CA ILE G 5 18.96 20.92 -18.33
C ILE G 5 18.10 20.27 -19.41
N ALA G 6 18.60 20.23 -20.64
CA ALA G 6 17.86 19.63 -21.75
C ALA G 6 17.68 18.14 -21.53
N THR G 7 18.76 17.46 -21.16
CA THR G 7 18.73 16.02 -20.93
C THR G 7 17.67 15.63 -19.92
N LEU G 8 17.32 16.56 -19.03
CA LEU G 8 16.31 16.31 -18.02
C LEU G 8 14.92 16.67 -18.53
N LEU G 9 14.86 17.55 -19.53
CA LEU G 9 13.59 17.97 -20.11
C LEU G 9 12.85 16.82 -20.79
N LEU G 10 13.45 16.25 -21.83
CA LEU G 10 12.82 15.15 -22.56
C LEU G 10 12.47 14.01 -21.61
N ILE G 11 13.30 13.81 -20.59
CA ILE G 11 13.06 12.76 -19.61
C ILE G 11 11.76 13.03 -18.87
N LEU G 12 11.58 14.29 -18.46
CA LEU G 12 10.36 14.69 -17.75
C LEU G 12 9.15 14.45 -18.64
N ILE G 13 9.35 14.62 -19.94
CA ILE G 13 8.28 14.42 -20.92
C ILE G 13 7.96 12.94 -20.99
N ALA G 14 9.01 12.12 -20.87
CA ALA G 14 8.85 10.67 -20.91
C ALA G 14 8.04 10.21 -19.71
N VAL G 15 8.16 10.95 -18.61
CA VAL G 15 7.44 10.63 -17.39
C VAL G 15 5.98 11.04 -17.53
N ALA G 16 5.76 12.28 -17.96
CA ALA G 16 4.42 12.81 -18.15
C ALA G 16 3.65 11.90 -19.11
N ALA G 17 4.31 11.48 -20.17
CA ALA G 17 3.70 10.60 -21.16
C ALA G 17 3.43 9.24 -20.52
N ALA G 18 4.37 8.78 -19.71
CA ALA G 18 4.23 7.49 -19.03
C ALA G 18 3.02 7.53 -18.10
N VAL G 19 2.78 8.69 -17.50
CA VAL G 19 1.65 8.86 -16.59
C VAL G 19 0.35 8.81 -17.38
N LEU G 20 0.37 9.42 -18.57
CA LEU G 20 -0.81 9.44 -19.43
C LEU G 20 -1.09 8.05 -19.99
N LEU G 21 -0.24 7.09 -19.61
CA LEU G 21 -0.39 5.72 -20.06
C LEU G 21 -0.79 4.82 -18.90
N TYR G 22 -0.17 5.04 -17.75
CA TYR G 22 -0.46 4.25 -16.56
C TYR G 22 -1.92 4.46 -16.15
N THR G 23 -2.53 5.50 -16.69
CA THR G 23 -3.93 5.80 -16.40
C THR G 23 -4.82 5.09 -17.41
N TRP G 24 -4.27 4.87 -18.59
CA TRP G 24 -5.00 4.19 -19.66
C TRP G 24 -5.02 2.69 -19.38
N VAL G 25 -3.96 2.20 -18.75
CA VAL G 25 -3.85 0.78 -18.43
C VAL G 25 -4.72 0.44 -17.22
N SER G 26 -4.66 1.30 -16.20
CA SER G 26 -5.44 1.08 -14.98
C SER G 26 -6.93 1.14 -15.27
N VAL H 1 26.06 14.17 -18.67
CA VAL H 1 25.40 13.61 -17.51
C VAL H 1 25.15 12.12 -17.68
N SER H 2 26.21 11.38 -18.01
CA SER H 2 26.09 9.94 -18.21
C SER H 2 26.12 9.20 -16.88
N PRO H 3 27.10 9.51 -16.05
CA PRO H 3 27.23 8.87 -14.71
C PRO H 3 25.86 8.61 -14.08
N VAL H 4 24.99 9.60 -14.16
CA VAL H 4 23.65 9.49 -13.60
C VAL H 4 22.94 8.23 -14.10
N ILE H 5 23.15 7.91 -15.39
CA ILE H 5 22.51 6.74 -15.98
C ILE H 5 23.04 5.47 -15.33
N ALA H 6 24.36 5.36 -15.21
CA ALA H 6 24.96 4.18 -14.60
C ALA H 6 24.59 4.08 -13.12
N THR H 7 24.72 5.19 -12.41
CA THR H 7 24.39 5.23 -10.98
C THR H 7 22.98 4.73 -10.70
N LEU H 8 22.10 4.85 -11.69
CA LEU H 8 20.72 4.40 -11.55
C LEU H 8 20.58 2.94 -11.94
N LEU H 9 21.50 2.46 -12.78
CA LEU H 9 21.47 1.07 -13.24
C LEU H 9 21.66 0.08 -12.10
N LEU H 10 22.83 0.12 -11.45
CA LEU H 10 23.11 -0.79 -10.35
C LEU H 10 22.03 -0.70 -9.28
N ILE H 11 21.48 0.49 -9.08
CA ILE H 11 20.44 0.70 -8.09
C ILE H 11 19.20 -0.12 -8.47
N LEU H 12 18.84 -0.07 -9.76
CA LEU H 12 17.69 -0.81 -10.25
C LEU H 12 17.92 -2.30 -10.04
N ILE H 13 19.18 -2.72 -10.14
CA ILE H 13 19.55 -4.11 -9.95
C ILE H 13 19.37 -4.47 -8.48
N ALA H 14 19.68 -3.51 -7.62
CA ALA H 14 19.56 -3.70 -6.17
C ALA H 14 18.08 -3.88 -5.81
N VAL H 15 17.21 -3.27 -6.61
CA VAL H 15 15.77 -3.36 -6.38
C VAL H 15 15.27 -4.72 -6.86
N ALA H 16 15.64 -5.07 -8.09
CA ALA H 16 15.25 -6.34 -8.68
C ALA H 16 15.68 -7.48 -7.77
N ALA H 17 16.90 -7.38 -7.26
CA ALA H 17 17.44 -8.40 -6.37
C ALA H 17 16.66 -8.39 -5.06
N ALA H 18 16.34 -7.19 -4.59
CA ALA H 18 15.58 -7.04 -3.35
C ALA H 18 14.21 -7.70 -3.49
N VAL H 19 13.64 -7.61 -4.70
CA VAL H 19 12.34 -8.20 -4.97
C VAL H 19 12.45 -9.72 -4.96
N LEU H 20 13.56 -10.23 -5.49
CA LEU H 20 13.79 -11.66 -5.54
C LEU H 20 14.07 -12.20 -4.14
N LEU H 21 14.05 -11.30 -3.16
CA LEU H 21 14.29 -11.67 -1.77
C LEU H 21 13.03 -11.52 -0.95
N TYR H 22 12.29 -10.44 -1.20
CA TYR H 22 11.05 -10.18 -0.49
C TYR H 22 10.03 -11.28 -0.79
N THR H 23 10.32 -12.06 -1.83
CA THR H 23 9.44 -13.16 -2.23
C THR H 23 9.88 -14.43 -1.51
N TRP H 24 11.18 -14.48 -1.20
CA TRP H 24 11.75 -15.64 -0.52
C TRP H 24 11.39 -15.57 0.96
N VAL H 25 11.28 -14.35 1.48
CA VAL H 25 10.94 -14.14 2.89
C VAL H 25 9.45 -14.37 3.13
N SER H 26 8.63 -13.84 2.22
CA SER H 26 7.19 -13.98 2.33
C SER H 26 6.77 -15.44 2.21
N VAL I 1 25.56 12.73 -8.86
CA VAL I 1 24.18 12.67 -8.39
C VAL I 1 24.12 12.33 -6.91
N SER I 2 24.85 13.10 -6.10
CA SER I 2 24.88 12.88 -4.66
C SER I 2 23.65 13.48 -3.99
N PRO I 3 23.37 14.74 -4.28
CA PRO I 3 22.20 15.44 -3.69
C PRO I 3 21.01 14.50 -3.55
N VAL I 4 20.75 13.71 -4.58
CA VAL I 4 19.64 12.78 -4.57
C VAL I 4 19.68 11.88 -3.32
N ILE I 5 20.89 11.48 -2.94
CA ILE I 5 21.07 10.62 -1.77
C ILE I 5 20.63 11.35 -0.50
N ALA I 6 21.10 12.57 -0.33
CA ALA I 6 20.75 13.37 0.85
C ALA I 6 19.27 13.69 0.86
N THR I 7 18.77 14.15 -0.28
CA THR I 7 17.35 14.51 -0.42
C THR I 7 16.43 13.37 0.00
N LEU I 8 16.93 12.14 -0.12
CA LEU I 8 16.15 10.97 0.24
C LEU I 8 16.34 10.62 1.72
N LEU I 9 17.46 11.06 2.29
CA LEU I 9 17.75 10.79 3.69
C LEU I 9 16.77 11.45 4.64
N LEU I 10 16.71 12.78 4.63
CA LEU I 10 15.80 13.50 5.50
C LEU I 10 14.36 13.03 5.31
N ILE I 11 14.03 12.66 4.07
CA ILE I 11 12.68 12.19 3.76
C ILE I 11 12.42 10.89 4.53
N LEU I 12 13.40 9.99 4.52
CA LEU I 12 13.27 8.72 5.22
C LEU I 12 13.09 8.98 6.71
N ILE I 13 13.71 10.05 7.20
CA ILE I 13 13.61 10.43 8.60
C ILE I 13 12.20 10.94 8.87
N ALA I 14 11.64 11.62 7.88
CA ALA I 14 10.28 12.16 7.99
C ALA I 14 9.29 11.01 8.09
N VAL I 15 9.64 9.89 7.47
CA VAL I 15 8.79 8.70 7.47
C VAL I 15 8.90 8.01 8.83
N ALA I 16 10.13 7.77 9.26
CA ALA I 16 10.39 7.11 10.53
C ALA I 16 9.71 7.88 11.64
N ALA I 17 9.80 9.21 11.59
CA ALA I 17 9.19 10.07 12.59
C ALA I 17 7.67 9.97 12.47
N ALA I 18 7.18 9.92 11.23
CA ALA I 18 5.75 9.81 10.98
C ALA I 18 5.21 8.51 11.57
N VAL I 19 6.03 7.46 11.51
CA VAL I 19 5.65 6.16 12.04
C VAL I 19 5.58 6.23 13.56
N LEU I 20 6.53 6.96 14.16
CA LEU I 20 6.58 7.11 15.61
C LEU I 20 5.43 7.98 16.09
N LEU I 21 4.60 8.43 15.14
CA LEU I 21 3.45 9.27 15.45
C LEU I 21 2.16 8.51 15.19
N TYR I 22 2.12 7.77 14.09
CA TYR I 22 0.94 6.99 13.73
C TYR I 22 0.68 5.92 14.79
N THR I 23 1.68 5.69 15.63
CA THR I 23 1.56 4.69 16.70
C THR I 23 1.04 5.39 17.96
N TRP I 24 1.35 6.68 18.07
CA TRP I 24 0.91 7.47 19.21
C TRP I 24 -0.56 7.83 19.05
N VAL I 25 -0.99 7.97 17.80
CA VAL I 25 -2.38 8.32 17.51
C VAL I 25 -3.27 7.10 17.65
N SER I 26 -2.80 5.97 17.12
CA SER I 26 -3.56 4.73 17.18
C SER I 26 -3.75 4.27 18.62
N VAL J 1 16.50 16.70 -7.94
CA VAL J 1 15.46 15.69 -7.96
C VAL J 1 14.09 16.30 -7.70
N SER J 2 13.75 17.33 -8.47
CA SER J 2 12.46 18.01 -8.32
C SER J 2 11.35 17.23 -9.02
N PRO J 3 11.58 16.87 -10.28
CA PRO J 3 10.58 16.12 -11.07
C PRO J 3 9.84 15.11 -10.20
N VAL J 4 10.59 14.39 -9.38
CA VAL J 4 10.02 13.37 -8.50
C VAL J 4 8.87 13.96 -7.67
N ILE J 5 9.04 15.20 -7.22
CA ILE J 5 8.02 15.86 -6.41
C ILE J 5 6.74 16.07 -7.23
N ALA J 6 6.89 16.60 -8.43
CA ALA J 6 5.74 16.84 -9.30
C ALA J 6 5.08 15.53 -9.70
N THR J 7 5.90 14.57 -10.14
CA THR J 7 5.41 13.27 -10.56
C THR J 7 4.55 12.61 -9.50
N LEU J 8 4.79 12.96 -8.23
CA LEU J 8 4.03 12.40 -7.13
C LEU J 8 2.78 13.23 -6.84
N LEU J 9 2.81 14.50 -7.25
CA LEU J 9 1.68 15.39 -7.03
C LEU J 9 0.44 14.96 -7.79
N LEU J 10 0.52 14.94 -9.11
CA LEU J 10 -0.63 14.54 -9.93
C LEU J 10 -1.14 13.16 -9.52
N ILE J 11 -0.21 12.30 -9.12
CA ILE J 11 -0.57 10.94 -8.70
C ILE J 11 -1.46 11.02 -7.46
N LEU J 12 -1.07 11.87 -6.51
CA LEU J 12 -1.85 12.04 -5.28
C LEU J 12 -3.24 12.55 -5.63
N ILE J 13 -3.32 13.36 -6.68
CA ILE J 13 -4.59 13.92 -7.14
C ILE J 13 -5.43 12.79 -7.73
N ALA J 14 -4.76 11.87 -8.40
CA ALA J 14 -5.43 10.72 -9.01
C ALA J 14 -6.04 9.85 -7.92
N VAL J 15 -5.40 9.85 -6.75
CA VAL J 15 -5.87 9.07 -5.61
C VAL J 15 -7.07 9.76 -4.98
N ALA J 16 -6.91 11.05 -4.69
CA ALA J 16 -7.98 11.84 -4.09
C ALA J 16 -9.23 11.75 -4.96
N ALA J 17 -9.04 11.85 -6.26
CA ALA J 17 -10.15 11.77 -7.20
C ALA J 17 -10.74 10.37 -7.17
N ALA J 18 -9.86 9.38 -7.10
CA ALA J 18 -10.29 7.98 -7.05
C ALA J 18 -11.14 7.74 -5.81
N VAL J 19 -10.79 8.41 -4.73
CA VAL J 19 -11.53 8.28 -3.47
C VAL J 19 -12.91 8.91 -3.62
N LEU J 20 -12.96 10.04 -4.32
CA LEU J 20 -14.21 10.74 -4.54
C LEU J 20 -15.10 9.95 -5.50
N LEU J 21 -14.60 8.80 -5.94
CA LEU J 21 -15.34 7.94 -6.85
C LEU J 21 -15.75 6.66 -6.15
N TYR J 22 -14.83 6.11 -5.36
CA TYR J 22 -15.10 4.87 -4.63
C TYR J 22 -16.23 5.09 -3.64
N THR J 23 -16.54 6.35 -3.39
CA THR J 23 -17.62 6.71 -2.46
C THR J 23 -18.92 6.83 -3.23
N TRP J 24 -18.80 7.20 -4.51
CA TRP J 24 -19.95 7.34 -5.38
C TRP J 24 -20.45 5.97 -5.81
N VAL J 25 -19.53 5.02 -5.92
CA VAL J 25 -19.87 3.66 -6.33
C VAL J 25 -20.47 2.89 -5.16
N SER J 26 -19.87 3.04 -3.98
CA SER J 26 -20.35 2.36 -2.79
C SER J 26 -21.75 2.84 -2.41
N VAL K 1 11.87 9.15 -12.43
CA VAL K 1 11.35 8.19 -11.47
C VAL K 1 10.54 7.10 -12.16
N SER K 2 11.14 6.48 -13.17
CA SER K 2 10.47 5.41 -13.92
C SER K 2 10.54 4.09 -13.17
N PRO K 3 11.74 3.71 -12.75
CA PRO K 3 11.94 2.45 -12.01
C PRO K 3 10.77 2.15 -11.08
N VAL K 4 10.33 3.17 -10.35
CA VAL K 4 9.22 3.03 -9.42
C VAL K 4 8.00 2.40 -10.10
N ILE K 5 7.76 2.79 -11.35
CA ILE K 5 6.63 2.27 -12.11
C ILE K 5 6.79 0.77 -12.35
N ALA K 6 7.96 0.37 -12.81
CA ALA K 6 8.23 -1.04 -13.07
C ALA K 6 8.21 -1.85 -11.77
N THR K 7 8.89 -1.35 -10.75
CA THR K 7 8.96 -2.01 -9.45
C THR K 7 7.58 -2.30 -8.90
N LEU K 8 6.60 -1.50 -9.30
CA LEU K 8 5.23 -1.70 -8.84
C LEU K 8 4.47 -2.66 -9.75
N LEU K 9 4.92 -2.78 -10.99
CA LEU K 9 4.28 -3.67 -11.96
C LEU K 9 4.37 -5.13 -11.55
N LEU K 10 5.58 -5.67 -11.46
CA LEU K 10 5.77 -7.07 -11.08
C LEU K 10 5.09 -7.36 -9.75
N ILE K 11 5.08 -6.38 -8.85
CA ILE K 11 4.45 -6.55 -7.55
C ILE K 11 2.95 -6.78 -7.73
N LEU K 12 2.34 -5.98 -8.60
CA LEU K 12 0.91 -6.11 -8.89
C LEU K 12 0.63 -7.49 -9.46
N ILE K 13 1.59 -8.02 -10.21
CA ILE K 13 1.46 -9.34 -10.81
C ILE K 13 1.52 -10.39 -9.70
N ALA K 14 2.36 -10.11 -8.70
CA ALA K 14 2.53 -11.02 -7.57
C ALA K 14 1.22 -11.09 -6.79
N VAL K 15 0.47 -10.00 -6.82
CA VAL K 15 -0.81 -9.92 -6.12
C VAL K 15 -1.87 -10.68 -6.90
N ALA K 16 -1.97 -10.38 -8.20
CA ALA K 16 -2.92 -11.03 -9.07
C ALA K 16 -2.73 -12.54 -9.01
N ALA K 17 -1.47 -12.96 -9.02
CA ALA K 17 -1.14 -14.38 -8.97
C ALA K 17 -1.52 -14.93 -7.60
N ALA K 18 -1.27 -14.13 -6.56
CA ALA K 18 -1.60 -14.53 -5.19
C ALA K 18 -3.10 -14.74 -5.06
N VAL K 19 -3.87 -13.91 -5.77
CA VAL K 19 -5.32 -14.01 -5.73
C VAL K 19 -5.77 -15.28 -6.43
N LEU K 20 -5.09 -15.63 -7.53
CA LEU K 20 -5.41 -16.82 -8.29
C LEU K 20 -5.01 -18.07 -7.50
N LEU K 21 -4.47 -17.85 -6.30
CA LEU K 21 -4.05 -18.95 -5.44
C LEU K 21 -4.95 -19.03 -4.22
N TYR K 22 -5.27 -17.87 -3.65
CA TYR K 22 -6.13 -17.80 -2.47
C TYR K 22 -7.52 -18.35 -2.80
N THR K 23 -7.79 -18.49 -4.10
CA THR K 23 -9.07 -19.01 -4.55
C THR K 23 -8.97 -20.52 -4.70
N TRP K 24 -7.75 -20.98 -4.99
CA TRP K 24 -7.49 -22.40 -5.16
C TRP K 24 -7.43 -23.07 -3.79
N VAL K 25 -6.97 -22.33 -2.79
CA VAL K 25 -6.85 -22.85 -1.43
C VAL K 25 -8.22 -22.88 -0.75
N SER K 26 -8.98 -21.81 -0.93
CA SER K 26 -10.30 -21.71 -0.34
C SER K 26 -11.25 -22.77 -0.91
N VAL L 1 13.26 2.80 -4.92
CA VAL L 1 12.10 2.75 -4.03
C VAL L 1 12.28 1.69 -2.95
N SER L 2 13.41 1.75 -2.25
CA SER L 2 13.70 0.79 -1.19
C SER L 2 12.97 1.15 0.10
N PRO L 3 13.11 2.41 0.52
CA PRO L 3 12.46 2.89 1.76
C PRO L 3 11.08 2.26 1.94
N VAL L 4 10.31 2.22 0.86
CA VAL L 4 8.97 1.65 0.90
C VAL L 4 8.99 0.23 1.49
N ILE L 5 10.02 -0.53 1.15
CA ILE L 5 10.14 -1.90 1.66
C ILE L 5 10.32 -1.90 3.17
N ALA L 6 11.24 -1.08 3.66
CA ALA L 6 11.49 -0.99 5.10
C ALA L 6 10.28 -0.45 5.83
N THR L 7 9.71 0.64 5.31
CA THR L 7 8.55 1.28 5.92
C THR L 7 7.41 0.29 6.10
N LEU L 8 7.36 -0.75 5.28
CA LEU L 8 6.33 -1.76 5.37
C LEU L 8 6.73 -2.88 6.34
N LEU L 9 8.03 -3.03 6.54
CA LEU L 9 8.55 -4.07 7.45
C LEU L 9 8.12 -3.84 8.89
N LEU L 10 8.55 -2.74 9.48
CA LEU L 10 8.21 -2.44 10.86
C LEU L 10 6.69 -2.45 11.06
N ILE L 11 5.96 -2.02 10.03
CA ILE L 11 4.51 -1.99 10.11
C ILE L 11 3.98 -3.42 10.27
N LEU L 12 4.53 -4.34 9.47
CA LEU L 12 4.13 -5.74 9.55
C LEU L 12 4.41 -6.29 10.94
N ILE L 13 5.48 -5.79 11.55
CA ILE L 13 5.87 -6.21 12.89
C ILE L 13 4.84 -5.68 13.88
N ALA L 14 4.35 -4.47 13.61
CA ALA L 14 3.35 -3.84 14.46
C ALA L 14 2.06 -4.65 14.42
N VAL L 15 1.82 -5.30 13.29
CA VAL L 15 0.62 -6.12 13.11
C VAL L 15 0.79 -7.44 13.85
N ALA L 16 1.92 -8.10 13.62
CA ALA L 16 2.22 -9.37 14.26
C ALA L 16 2.15 -9.20 15.77
N ALA L 17 2.71 -8.10 16.27
CA ALA L 17 2.71 -7.81 17.69
C ALA L 17 1.28 -7.55 18.15
N ALA L 18 0.53 -6.84 17.32
CA ALA L 18 -0.86 -6.52 17.63
C ALA L 18 -1.67 -7.80 17.75
N VAL L 19 -1.33 -8.78 16.93
CA VAL L 19 -2.02 -10.07 16.94
C VAL L 19 -1.69 -10.82 18.22
N LEU L 20 -0.44 -10.71 18.65
CA LEU L 20 0.01 -11.38 19.86
C LEU L 20 -0.60 -10.69 21.08
N LEU L 21 -1.40 -9.67 20.85
CA LEU L 21 -2.05 -8.93 21.91
C LEU L 21 -3.55 -9.17 21.89
N TYR L 22 -4.12 -9.18 20.68
CA TYR L 22 -5.55 -9.40 20.51
C TYR L 22 -5.93 -10.80 21.00
N THR L 23 -4.91 -11.64 21.18
CA THR L 23 -5.12 -13.01 21.66
C THR L 23 -5.03 -13.01 23.19
N TRP L 24 -4.26 -12.07 23.72
CA TRP L 24 -4.09 -11.94 25.17
C TRP L 24 -5.32 -11.29 25.77
N VAL L 25 -5.95 -10.41 25.00
CA VAL L 25 -7.14 -9.71 25.46
C VAL L 25 -8.37 -10.62 25.38
N SER L 26 -8.48 -11.35 24.27
CA SER L 26 -9.61 -12.26 24.09
C SER L 26 -9.59 -13.38 25.11
N VAL M 1 6.77 7.28 1.12
CA VAL M 1 5.46 6.65 1.07
C VAL M 1 4.50 7.28 2.09
N SER M 2 4.39 8.60 2.05
CA SER M 2 3.52 9.32 2.96
C SER M 2 2.06 9.27 2.50
N PRO M 3 1.84 9.61 1.24
CA PRO M 3 0.48 9.59 0.66
C PRO M 3 -0.35 8.44 1.21
N VAL M 4 0.26 7.26 1.26
CA VAL M 4 -0.42 6.07 1.76
C VAL M 4 -1.04 6.32 3.14
N ILE M 5 -0.32 7.06 3.98
CA ILE M 5 -0.80 7.37 5.32
C ILE M 5 -2.07 8.22 5.25
N ALA M 6 -2.04 9.27 4.46
CA ALA M 6 -3.19 10.15 4.31
C ALA M 6 -4.36 9.41 3.66
N THR M 7 -4.08 8.71 2.58
CA THR M 7 -5.10 7.96 1.86
C THR M 7 -5.85 7.00 2.77
N LEU M 8 -5.20 6.58 3.85
CA LEU M 8 -5.82 5.66 4.80
C LEU M 8 -6.58 6.43 5.88
N LEU M 9 -6.18 7.67 6.10
CA LEU M 9 -6.83 8.51 7.11
C LEU M 9 -8.28 8.79 6.80
N LEU M 10 -8.54 9.48 5.69
CA LEU M 10 -9.91 9.81 5.30
C LEU M 10 -10.77 8.55 5.21
N ILE M 11 -10.15 7.44 4.81
CA ILE M 11 -10.88 6.18 4.70
C ILE M 11 -11.35 5.74 6.08
N LEU M 12 -10.47 5.85 7.07
CA LEU M 12 -10.80 5.48 8.44
C LEU M 12 -11.95 6.36 8.93
N ILE M 13 -11.98 7.60 8.46
CA ILE M 13 -13.03 8.54 8.83
C ILE M 13 -14.33 8.09 8.20
N ALA M 14 -14.23 7.56 6.98
CA ALA M 14 -15.40 7.08 6.26
C ALA M 14 -16.00 5.89 7.00
N VAL M 15 -15.15 5.14 7.69
CA VAL M 15 -15.59 3.98 8.45
C VAL M 15 -16.26 4.43 9.74
N ALA M 16 -15.58 5.31 10.47
CA ALA M 16 -16.10 5.84 11.72
C ALA M 16 -17.47 6.47 11.48
N ALA M 17 -17.58 7.21 10.39
CA ALA M 17 -18.83 7.87 10.03
C ALA M 17 -19.86 6.81 9.67
N ALA M 18 -19.42 5.78 8.96
CA ALA M 18 -20.30 4.68 8.55
C ALA M 18 -20.86 3.98 9.78
N VAL M 19 -20.04 3.89 10.82
CA VAL M 19 -20.45 3.25 12.06
C VAL M 19 -21.49 4.10 12.76
N LEU M 20 -21.30 5.43 12.71
CA LEU M 20 -22.23 6.36 13.33
C LEU M 20 -23.54 6.39 12.56
N LEU M 21 -23.62 5.59 11.51
CA LEU M 21 -24.82 5.51 10.68
C LEU M 21 -25.48 4.15 10.84
N TYR M 22 -24.67 3.10 10.88
CA TYR M 22 -25.17 1.74 11.03
C TYR M 22 -25.87 1.60 12.38
N THR M 23 -25.64 2.57 13.26
CA THR M 23 -26.25 2.56 14.59
C THR M 23 -27.57 3.33 14.53
N TRP M 24 -27.63 4.28 13.61
CA TRP M 24 -28.83 5.09 13.42
C TRP M 24 -29.88 4.28 12.67
N VAL M 25 -29.42 3.40 11.79
CA VAL M 25 -30.31 2.56 11.01
C VAL M 25 -30.86 1.41 11.86
N SER M 26 -29.98 0.79 12.63
CA SER M 26 -30.38 -0.32 13.49
C SER M 26 -31.36 0.14 14.56
N VAL N 1 -1.23 4.36 -3.99
CA VAL N 1 -1.82 3.14 -3.44
C VAL N 1 -3.11 2.77 -4.16
N SER N 2 -3.03 2.69 -5.48
CA SER N 2 -4.20 2.35 -6.29
C SER N 2 -4.45 0.84 -6.29
N PRO N 3 -3.40 0.07 -6.58
CA PRO N 3 -3.50 -1.41 -6.62
C PRO N 3 -4.44 -1.93 -5.53
N VAL N 4 -4.29 -1.38 -4.32
CA VAL N 4 -5.12 -1.79 -3.20
C VAL N 4 -6.60 -1.72 -3.54
N ILE N 5 -6.98 -0.67 -4.29
CA ILE N 5 -8.38 -0.49 -4.68
C ILE N 5 -8.83 -1.63 -5.60
N ALA N 6 -8.03 -1.93 -6.61
CA ALA N 6 -8.37 -3.00 -7.55
C ALA N 6 -8.37 -4.35 -6.84
N THR N 7 -7.31 -4.61 -6.06
CA THR N 7 -7.19 -5.87 -5.33
C THR N 7 -8.40 -6.15 -4.47
N LEU N 8 -9.11 -5.10 -4.06
CA LEU N 8 -10.28 -5.24 -3.22
C LEU N 8 -11.54 -5.40 -4.08
N LEU N 9 -11.47 -4.92 -5.32
CA LEU N 9 -12.60 -5.02 -6.24
C LEU N 9 -12.96 -6.45 -6.58
N LEU N 10 -12.04 -7.16 -7.23
CA LEU N 10 -12.29 -8.55 -7.60
C LEU N 10 -12.70 -9.39 -6.39
N ILE N 11 -12.13 -9.05 -5.24
CA ILE N 11 -12.44 -9.77 -4.01
C ILE N 11 -13.92 -9.58 -3.67
N LEU N 12 -14.39 -8.34 -3.77
CA LEU N 12 -15.78 -8.03 -3.50
C LEU N 12 -16.68 -8.81 -4.45
N ILE N 13 -16.19 -9.02 -5.67
CA ILE N 13 -16.93 -9.75 -6.68
C ILE N 13 -16.99 -11.22 -6.27
N ALA N 14 -15.89 -11.69 -5.68
CA ALA N 14 -15.81 -13.08 -5.22
C ALA N 14 -16.82 -13.31 -4.11
N VAL N 15 -17.11 -12.25 -3.35
CA VAL N 15 -18.06 -12.32 -2.25
C VAL N 15 -19.48 -12.32 -2.80
N ALA N 16 -19.76 -11.37 -3.67
CA ALA N 16 -21.08 -11.26 -4.30
C ALA N 16 -21.43 -12.57 -4.98
N ALA N 17 -20.46 -13.14 -5.68
CA ALA N 17 -20.66 -14.41 -6.38
C ALA N 17 -20.87 -15.51 -5.36
N ALA N 18 -20.11 -15.46 -4.28
CA ALA N 18 -20.22 -16.46 -3.22
C ALA N 18 -21.62 -16.42 -2.60
N VAL N 19 -22.18 -15.22 -2.52
CA VAL N 19 -23.51 -15.04 -1.96
C VAL N 19 -24.55 -15.63 -2.91
N LEU N 20 -24.32 -15.45 -4.20
CA LEU N 20 -25.23 -15.96 -5.22
C LEU N 20 -25.14 -17.49 -5.28
N LEU N 21 -24.28 -18.05 -4.43
CA LEU N 21 -24.10 -19.50 -4.38
C LEU N 21 -24.63 -20.05 -3.07
N TYR N 22 -24.37 -19.34 -1.98
CA TYR N 22 -24.83 -19.76 -0.66
C TYR N 22 -26.36 -19.77 -0.62
N THR N 23 -26.97 -19.13 -1.62
CA THR N 23 -28.43 -19.08 -1.71
C THR N 23 -28.91 -20.26 -2.54
N TRP N 24 -28.05 -20.71 -3.46
CA TRP N 24 -28.37 -21.84 -4.31
C TRP N 24 -28.23 -23.14 -3.53
N VAL N 25 -27.31 -23.15 -2.57
CA VAL N 25 -27.07 -24.33 -1.75
C VAL N 25 -28.15 -24.45 -0.67
N SER N 26 -28.49 -23.33 -0.05
CA SER N 26 -29.50 -23.33 1.00
C SER N 26 -30.87 -23.71 0.44
N VAL O 1 -0.48 -5.17 -1.25
CA VAL O 1 -1.33 -5.46 -0.09
C VAL O 1 -1.29 -6.95 0.24
N SER O 2 -0.09 -7.49 0.39
CA SER O 2 0.09 -8.90 0.71
C SER O 2 -0.13 -9.16 2.20
N PRO O 3 0.56 -8.39 3.04
CA PRO O 3 0.44 -8.53 4.50
C PRO O 3 -0.99 -8.88 4.92
N VAL O 4 -1.96 -8.19 4.33
CA VAL O 4 -3.36 -8.42 4.64
C VAL O 4 -3.72 -9.91 4.49
N ILE O 5 -3.15 -10.55 3.48
CA ILE O 5 -3.42 -11.97 3.24
C ILE O 5 -2.89 -12.82 4.39
N ALA O 6 -1.64 -12.57 4.79
CA ALA O 6 -1.04 -13.32 5.89
C ALA O 6 -1.76 -13.03 7.20
N THR O 7 -1.99 -11.75 7.47
CA THR O 7 -2.67 -11.34 8.70
C THR O 7 -4.00 -12.04 8.87
N LEU O 8 -4.62 -12.45 7.76
CA LEU O 8 -5.90 -13.13 7.80
C LEU O 8 -5.71 -14.64 7.94
N LEU O 9 -4.55 -15.13 7.52
CA LEU O 9 -4.25 -16.56 7.60
C LEU O 9 -4.20 -17.07 9.04
N LEU O 10 -3.26 -16.56 9.83
CA LEU O 10 -3.13 -16.99 11.21
C LEU O 10 -4.46 -16.81 11.97
N ILE O 11 -5.20 -15.78 11.60
CA ILE O 11 -6.49 -15.52 12.24
C ILE O 11 -7.44 -16.68 11.96
N LEU O 12 -7.47 -17.12 10.71
CA LEU O 12 -8.33 -18.23 10.30
C LEU O 12 -7.94 -19.47 11.07
N ILE O 13 -6.65 -19.60 11.37
CA ILE O 13 -6.13 -20.74 12.12
C ILE O 13 -6.62 -20.64 13.56
N ALA O 14 -6.69 -19.40 14.06
CA ALA O 14 -7.14 -19.16 15.42
C ALA O 14 -8.61 -19.56 15.54
N VAL O 15 -9.34 -19.44 14.43
CA VAL O 15 -10.76 -19.79 14.40
C VAL O 15 -10.91 -21.30 14.36
N ALA O 16 -10.19 -21.94 13.43
CA ALA O 16 -10.23 -23.38 13.27
C ALA O 16 -9.86 -24.04 14.60
N ALA O 17 -8.84 -23.51 15.26
CA ALA O 17 -8.40 -24.03 16.54
C ALA O 17 -9.48 -23.79 17.59
N ALA O 18 -10.09 -22.62 17.52
CA ALA O 18 -11.15 -22.26 18.47
C ALA O 18 -12.32 -23.23 18.32
N VAL O 19 -12.57 -23.66 17.08
CA VAL O 19 -13.66 -24.59 16.80
C VAL O 19 -13.33 -25.96 17.38
N LEU O 20 -12.05 -26.34 17.28
CA LEU O 20 -11.59 -27.62 17.80
C LEU O 20 -11.60 -27.60 19.33
N LEU O 21 -12.01 -26.48 19.90
CA LEU O 21 -12.07 -26.32 21.34
C LEU O 21 -13.52 -26.22 21.80
N TYR O 22 -14.32 -25.47 21.04
CA TYR O 22 -15.73 -25.29 21.38
C TYR O 22 -16.46 -26.63 21.31
N THR O 23 -15.80 -27.62 20.69
CA THR O 23 -16.36 -28.95 20.56
C THR O 23 -15.93 -29.80 21.75
N TRP O 24 -14.76 -29.45 22.30
CA TRP O 24 -14.22 -30.16 23.45
C TRP O 24 -14.95 -29.71 24.70
N VAL O 25 -15.37 -28.45 24.72
CA VAL O 25 -16.08 -27.90 25.87
C VAL O 25 -17.54 -28.37 25.89
N SER O 26 -18.17 -28.36 24.72
CA SER O 26 -19.55 -28.79 24.60
C SER O 26 -19.70 -30.28 24.95
N VAL P 1 -3.24 -3.50 8.15
CA VAL P 1 -4.66 -3.73 8.35
C VAL P 1 -5.04 -3.59 9.82
N SER P 2 -4.68 -2.46 10.41
CA SER P 2 -4.98 -2.19 11.81
C SER P 2 -6.42 -1.72 11.99
N PRO P 3 -6.80 -0.71 11.21
CA PRO P 3 -8.17 -0.16 11.27
C PRO P 3 -9.21 -1.24 11.53
N VAL P 4 -9.07 -2.36 10.81
CA VAL P 4 -9.99 -3.48 10.96
C VAL P 4 -10.13 -3.90 12.42
N ILE P 5 -9.01 -3.87 13.15
CA ILE P 5 -9.01 -4.25 14.56
C ILE P 5 -9.86 -3.28 15.38
N ALA P 6 -9.64 -1.99 15.18
CA ALA P 6 -10.39 -0.96 15.91
C ALA P 6 -11.86 -1.01 15.52
N THR P 7 -12.13 -1.06 14.22
CA THR P 7 -13.49 -1.10 13.71
C THR P 7 -14.30 -2.23 14.32
N LEU P 8 -13.61 -3.28 14.75
CA LEU P 8 -14.27 -4.42 15.37
C LEU P 8 -14.41 -4.24 16.87
N LEU P 9 -13.55 -3.39 17.44
CA LEU P 9 -13.59 -3.13 18.88
C LEU P 9 -14.87 -2.45 19.32
N LEU P 10 -15.12 -1.25 18.82
CA LEU P 10 -16.33 -0.51 19.19
C LEU P 10 -17.58 -1.34 18.91
N ILE P 11 -17.53 -2.14 17.85
CA ILE P 11 -18.66 -2.99 17.50
C ILE P 11 -18.91 -4.00 18.61
N LEU P 12 -17.83 -4.60 19.11
CA LEU P 12 -17.94 -5.58 20.19
C LEU P 12 -18.54 -4.91 21.42
N ILE P 13 -18.23 -3.63 21.60
CA ILE P 13 -18.74 -2.86 22.72
C ILE P 13 -20.23 -2.64 22.53
N ALA P 14 -20.62 -2.45 21.27
CA ALA P 14 -22.02 -2.24 20.92
C ALA P 14 -22.82 -3.49 21.25
N VAL P 15 -22.16 -4.64 21.15
CA VAL P 15 -22.80 -5.92 21.42
C VAL P 15 -22.93 -6.12 22.92
N ALA P 16 -21.82 -5.92 23.64
CA ALA P 16 -21.79 -6.05 25.08
C ALA P 16 -22.85 -5.15 25.70
N ALA P 17 -22.95 -3.93 25.18
CA ALA P 17 -23.92 -2.96 25.67
C ALA P 17 -25.32 -3.44 25.32
N ALA P 18 -25.47 -3.99 24.12
CA ALA P 18 -26.75 -4.50 23.66
C ALA P 18 -27.21 -5.64 24.57
N VAL P 19 -26.26 -6.42 25.05
CA VAL P 19 -26.56 -7.54 25.93
C VAL P 19 -27.02 -7.02 27.29
N LEU P 20 -26.38 -5.94 27.74
CA LEU P 20 -26.73 -5.33 29.02
C LEU P 20 -28.09 -4.64 28.93
N LEU P 21 -28.70 -4.72 27.75
CA LEU P 21 -30.00 -4.12 27.52
C LEU P 21 -31.06 -5.20 27.31
N TYR P 22 -30.70 -6.23 26.57
CA TYR P 22 -31.61 -7.34 26.30
C TYR P 22 -31.97 -8.04 27.60
N THR P 23 -31.19 -7.77 28.65
CA THR P 23 -31.43 -8.37 29.96
C THR P 23 -32.35 -7.46 30.76
N TRP P 24 -32.28 -6.16 30.45
CA TRP P 24 -33.11 -5.18 31.13
C TRP P 24 -34.52 -5.24 30.59
N VAL P 25 -34.65 -5.59 29.31
CA VAL P 25 -35.95 -5.68 28.65
C VAL P 25 -36.66 -6.97 29.05
N SER P 26 -35.90 -8.07 29.06
CA SER P 26 -36.45 -9.37 29.43
C SER P 26 -36.92 -9.38 30.88
N VAL Q 1 -12.73 -1.65 5.88
CA VAL Q 1 -13.56 -2.83 6.03
C VAL Q 1 -15.03 -2.51 5.79
N SER Q 2 -15.32 -1.88 4.65
CA SER Q 2 -16.69 -1.51 4.31
C SER Q 2 -17.45 -2.70 3.75
N PRO Q 3 -16.86 -3.37 2.76
CA PRO Q 3 -17.50 -4.55 2.13
C PRO Q 3 -18.27 -5.37 3.15
N VAL Q 4 -17.65 -5.61 4.30
CA VAL Q 4 -18.27 -6.39 5.36
C VAL Q 4 -19.67 -5.86 5.69
N ILE Q 5 -19.81 -4.53 5.69
CA ILE Q 5 -21.09 -3.91 6.00
C ILE Q 5 -22.13 -4.27 4.95
N ALA Q 6 -21.77 -4.13 3.68
CA ALA Q 6 -22.68 -4.44 2.59
C ALA Q 6 -23.00 -5.93 2.57
N THR Q 7 -21.97 -6.76 2.67
CA THR Q 7 -22.13 -8.21 2.66
C THR Q 7 -23.12 -8.67 3.71
N LEU Q 8 -23.27 -7.90 4.79
CA LEU Q 8 -24.19 -8.23 5.86
C LEU Q 8 -25.58 -7.68 5.59
N LEU Q 9 -25.64 -6.62 4.77
CA LEU Q 9 -26.92 -5.99 4.43
C LEU Q 9 -27.85 -6.92 3.66
N LEU Q 10 -27.43 -7.34 2.47
CA LEU Q 10 -28.25 -8.24 1.65
C LEU Q 10 -28.61 -9.49 2.43
N ILE Q 11 -27.71 -9.95 3.29
CA ILE Q 11 -27.97 -11.14 4.09
C ILE Q 11 -29.14 -10.88 5.03
N LEU Q 12 -29.14 -9.71 5.66
CA LEU Q 12 -30.22 -9.34 6.58
C LEU Q 12 -31.53 -9.31 5.82
N ILE Q 13 -31.46 -8.91 4.55
CA ILE Q 13 -32.64 -8.83 3.70
C ILE Q 13 -33.12 -10.26 3.41
N ALA Q 14 -32.17 -11.17 3.26
CA ALA Q 14 -32.49 -12.56 2.98
C ALA Q 14 -33.21 -13.17 4.19
N VAL Q 15 -32.90 -12.64 5.37
CA VAL Q 15 -33.52 -13.11 6.60
C VAL Q 15 -34.93 -12.56 6.71
N ALA Q 16 -35.05 -11.25 6.53
CA ALA Q 16 -36.34 -10.57 6.61
C ALA Q 16 -37.30 -11.21 5.62
N ALA Q 17 -36.80 -11.50 4.42
CA ALA Q 17 -37.61 -12.12 3.38
C ALA Q 17 -37.97 -13.54 3.80
N ALA Q 18 -37.00 -14.23 4.39
CA ALA Q 18 -37.20 -15.60 4.86
C ALA Q 18 -38.30 -15.62 5.93
N VAL Q 19 -38.35 -14.58 6.73
CA VAL Q 19 -39.35 -14.47 7.80
C VAL Q 19 -40.73 -14.25 7.18
N LEU Q 20 -40.76 -13.45 6.11
CA LEU Q 20 -42.01 -13.17 5.43
C LEU Q 20 -42.50 -14.39 4.68
N LEU Q 21 -41.74 -15.48 4.78
CA LEU Q 21 -42.08 -16.73 4.11
C LEU Q 21 -42.45 -17.79 5.14
N TYR Q 22 -41.69 -17.84 6.23
CA TYR Q 22 -41.94 -18.80 7.30
C TYR Q 22 -43.31 -18.54 7.92
N THR Q 23 -43.86 -17.38 7.63
CA THR Q 23 -45.18 -17.01 8.15
C THR Q 23 -46.24 -17.44 7.16
N TRP Q 24 -45.86 -17.48 5.88
CA TRP Q 24 -46.76 -17.89 4.82
C TRP Q 24 -46.92 -19.40 4.84
N VAL Q 25 -45.86 -20.10 5.24
CA VAL Q 25 -45.88 -21.55 5.30
C VAL Q 25 -46.63 -22.04 6.53
N SER Q 26 -46.38 -21.39 7.67
CA SER Q 26 -47.04 -21.75 8.92
C SER Q 26 -48.54 -21.51 8.83
N VAL R 1 -14.86 -11.09 3.64
CA VAL R 1 -15.45 -11.79 4.77
C VAL R 1 -15.88 -13.20 4.37
N SER R 2 -14.96 -13.95 3.79
CA SER R 2 -15.24 -15.32 3.37
C SER R 2 -15.17 -16.29 4.54
N PRO R 3 -14.07 -16.23 5.29
CA PRO R 3 -13.87 -17.11 6.46
C PRO R 3 -15.18 -17.36 7.20
N VAL R 4 -15.94 -16.29 7.41
CA VAL R 4 -17.22 -16.39 8.10
C VAL R 4 -18.11 -17.46 7.48
N ILE R 5 -18.08 -17.55 6.15
CA ILE R 5 -18.89 -18.54 5.45
C ILE R 5 -18.45 -19.95 5.80
N ALA R 6 -17.15 -20.20 5.74
CA ALA R 6 -16.61 -21.52 6.05
C ALA R 6 -16.84 -21.86 7.53
N THR R 7 -16.52 -20.90 8.40
CA THR R 7 -16.68 -21.09 9.84
C THR R 7 -18.10 -21.51 10.20
N LEU R 8 -19.07 -21.13 9.36
CA LEU R 8 -20.45 -21.48 9.60
C LEU R 8 -20.81 -22.83 8.97
N LEU R 9 -20.03 -23.22 7.97
CA LEU R 9 -20.26 -24.50 7.29
C LEU R 9 -20.06 -25.69 8.21
N LEU R 10 -18.85 -25.87 8.70
CA LEU R 10 -18.55 -27.00 9.59
C LEU R 10 -19.49 -27.01 10.78
N ILE R 11 -19.88 -25.82 11.24
CA ILE R 11 -20.78 -25.72 12.38
C ILE R 11 -22.13 -26.33 12.02
N LEU R 12 -22.62 -26.02 10.82
CA LEU R 12 -23.89 -26.55 10.34
C LEU R 12 -23.81 -28.06 10.27
N ILE R 13 -22.62 -28.56 9.95
CA ILE R 13 -22.39 -30.00 9.86
C ILE R 13 -22.45 -30.60 11.26
N ALA R 14 -21.94 -29.84 12.22
CA ALA R 14 -21.94 -30.28 13.61
C ALA R 14 -23.37 -30.39 14.12
N VAL R 15 -24.25 -29.57 13.56
CA VAL R 15 -25.66 -29.58 13.93
C VAL R 15 -26.36 -30.76 13.30
N ALA R 16 -26.17 -30.93 11.98
CA ALA R 16 -26.76 -32.02 11.24
C ALA R 16 -26.35 -33.35 11.88
N ALA R 17 -25.09 -33.45 12.25
CA ALA R 17 -24.57 -34.66 12.88
C ALA R 17 -25.20 -34.82 14.26
N ALA R 18 -25.34 -33.70 14.97
CA ALA R 18 -25.94 -33.71 16.29
C ALA R 18 -27.38 -34.20 16.22
N VAL R 19 -28.06 -33.85 15.12
CA VAL R 19 -29.44 -34.27 14.92
C VAL R 19 -29.50 -35.76 14.65
N LEU R 20 -28.52 -36.26 13.90
CA LEU R 20 -28.45 -37.68 13.59
C LEU R 20 -28.08 -38.48 14.83
N LEU R 21 -27.90 -37.78 15.95
CA LEU R 21 -27.55 -38.42 17.21
C LEU R 21 -28.70 -38.31 18.19
N TYR R 22 -29.34 -37.14 18.22
CA TYR R 22 -30.46 -36.90 19.12
C TYR R 22 -31.62 -37.84 18.76
N THR R 23 -31.53 -38.43 17.58
CA THR R 23 -32.56 -39.36 17.10
C THR R 23 -32.19 -40.77 17.53
N TRP R 24 -30.88 -41.00 17.66
CA TRP R 24 -30.37 -42.31 18.07
C TRP R 24 -30.56 -42.47 19.57
N VAL R 25 -30.49 -41.37 20.30
CA VAL R 25 -30.65 -41.39 21.75
C VAL R 25 -32.12 -41.52 22.13
N SER R 26 -32.97 -40.76 21.44
CA SER R 26 -34.40 -40.79 21.70
C SER R 26 -34.99 -42.16 21.39
N VAL S 1 -14.47 -14.24 13.05
CA VAL S 1 -15.79 -14.27 13.66
C VAL S 1 -15.73 -14.87 15.07
N SER S 2 -14.84 -14.33 15.90
CA SER S 2 -14.68 -14.80 17.27
C SER S 2 -15.76 -14.24 18.18
N PRO S 3 -15.93 -12.92 18.14
CA PRO S 3 -16.95 -12.23 18.97
C PRO S 3 -18.21 -13.07 19.12
N VAL S 4 -18.66 -13.63 18.00
CA VAL S 4 -19.86 -14.46 17.99
C VAL S 4 -19.79 -15.56 19.05
N ILE S 5 -18.60 -16.14 19.20
CA ILE S 5 -18.40 -17.20 20.17
C ILE S 5 -18.61 -16.69 21.60
N ALA S 6 -17.99 -15.56 21.91
CA ALA S 6 -18.12 -14.97 23.24
C ALA S 6 -19.56 -14.52 23.49
N THR S 7 -20.12 -13.81 22.52
CA THR S 7 -21.49 -13.31 22.63
C THR S 7 -22.48 -14.42 22.95
N LEU S 8 -22.14 -15.64 22.56
CA LEU S 8 -23.00 -16.79 22.82
C LEU S 8 -22.70 -17.42 24.17
N LEU S 9 -21.48 -17.20 24.66
CA LEU S 9 -21.07 -17.74 25.96
C LEU S 9 -21.88 -17.17 27.11
N LEU S 10 -21.78 -15.87 27.34
CA LEU S 10 -22.51 -15.24 28.43
C LEU S 10 -24.00 -15.53 28.33
N ILE S 11 -24.51 -15.64 27.11
CA ILE S 11 -25.92 -15.93 26.89
C ILE S 11 -26.24 -17.31 27.45
N LEU S 12 -25.37 -18.27 27.16
CA LEU S 12 -25.56 -19.64 27.66
C LEU S 12 -25.57 -19.63 29.18
N ILE S 13 -24.78 -18.74 29.76
CA ILE S 13 -24.68 -18.61 31.21
C ILE S 13 -26.00 -18.04 31.73
N ALA S 14 -26.58 -17.13 30.95
CA ALA S 14 -27.85 -16.51 31.32
C ALA S 14 -28.95 -17.57 31.34
N VAL S 15 -28.79 -18.58 30.49
CA VAL S 15 -29.76 -19.67 30.41
C VAL S 15 -29.59 -20.60 31.59
N ALA S 16 -28.35 -21.03 31.82
CA ALA S 16 -28.03 -21.92 32.92
C ALA S 16 -28.50 -21.31 34.23
N ALA S 17 -28.27 -20.02 34.38
CA ALA S 17 -28.67 -19.30 35.58
C ALA S 17 -30.19 -19.24 35.65
N ALA S 18 -30.81 -19.02 34.49
CA ALA S 18 -32.27 -18.94 34.40
C ALA S 18 -32.88 -20.28 34.82
N VAL S 19 -32.19 -21.37 34.48
CA VAL S 19 -32.66 -22.70 34.83
C VAL S 19 -32.56 -22.91 36.33
N LEU S 20 -31.48 -22.39 36.92
CA LEU S 20 -31.26 -22.51 38.36
C LEU S 20 -32.26 -21.64 39.11
N LEU S 21 -33.12 -20.96 38.37
CA LEU S 21 -34.13 -20.09 38.97
C LEU S 21 -35.51 -20.67 38.74
N TYR S 22 -35.75 -21.19 37.55
CA TYR S 22 -37.04 -21.78 37.20
C TYR S 22 -37.31 -22.99 38.09
N THR S 23 -36.25 -23.47 38.75
CA THR S 23 -36.37 -24.63 39.64
C THR S 23 -36.67 -24.14 41.04
N TRP S 24 -36.21 -22.91 41.34
CA TRP S 24 -36.43 -22.31 42.65
C TRP S 24 -37.87 -21.80 42.73
N VAL S 25 -38.41 -21.38 41.59
CA VAL S 25 -39.77 -20.87 41.53
C VAL S 25 -40.78 -22.01 41.57
N SER S 26 -40.50 -23.06 40.80
CA SER S 26 -41.39 -24.22 40.74
C SER S 26 -41.46 -24.91 42.10
N VAL T 1 -22.89 -9.71 15.75
CA VAL T 1 -24.03 -10.61 15.68
C VAL T 1 -25.29 -9.93 16.21
N SER T 2 -25.60 -8.75 15.68
CA SER T 2 -26.78 -8.01 16.11
C SER T 2 -28.03 -8.54 15.43
N PRO T 3 -27.98 -8.67 14.10
CA PRO T 3 -29.13 -9.18 13.33
C PRO T 3 -29.89 -10.26 14.09
N VAL T 4 -29.14 -11.19 14.68
CA VAL T 4 -29.72 -12.28 15.44
C VAL T 4 -30.71 -11.76 16.49
N ILE T 5 -30.35 -10.64 17.12
CA ILE T 5 -31.20 -10.05 18.15
C ILE T 5 -32.52 -9.59 17.56
N ALA T 6 -32.45 -8.86 16.44
CA ALA T 6 -33.65 -8.36 15.78
C ALA T 6 -34.49 -9.51 15.25
N THR T 7 -33.83 -10.45 14.55
CA THR T 7 -34.51 -11.60 13.98
C THR T 7 -35.32 -12.36 15.02
N LEU T 8 -34.91 -12.27 16.28
CA LEU T 8 -35.60 -12.94 17.36
C LEU T 8 -36.71 -12.07 17.93
N LEU T 9 -36.59 -10.76 17.75
CA LEU T 9 -37.58 -9.83 18.26
C LEU T 9 -38.94 -10.00 17.59
N LEU T 10 -39.00 -9.79 16.29
CA LEU T 10 -40.26 -9.93 15.56
C LEU T 10 -40.87 -11.31 15.78
N ILE T 11 -40.01 -12.31 15.92
CA ILE T 11 -40.48 -13.68 16.14
C ILE T 11 -41.22 -13.75 17.48
N LEU T 12 -40.65 -13.13 18.50
CA LEU T 12 -41.25 -13.12 19.82
C LEU T 12 -42.61 -12.42 19.75
N ILE T 13 -42.71 -11.42 18.87
CA ILE T 13 -43.95 -10.69 18.67
C ILE T 13 -44.97 -11.61 18.00
N ALA T 14 -44.47 -12.46 17.11
CA ALA T 14 -45.33 -13.40 16.40
C ALA T 14 -45.91 -14.40 17.40
N VAL T 15 -45.16 -14.67 18.46
CA VAL T 15 -45.60 -15.60 19.49
C VAL T 15 -46.64 -14.93 20.38
N ALA T 16 -46.31 -13.74 20.86
CA ALA T 16 -47.21 -12.97 21.72
C ALA T 16 -48.54 -12.79 21.01
N ALA T 17 -48.49 -12.47 19.72
CA ALA T 17 -49.69 -12.28 18.93
C ALA T 17 -50.43 -13.60 18.79
N ALA T 18 -49.66 -14.67 18.59
CA ALA T 18 -50.23 -16.00 18.45
C ALA T 18 -50.97 -16.39 19.72
N VAL T 19 -50.44 -15.96 20.86
CA VAL T 19 -51.05 -16.25 22.15
C VAL T 19 -52.35 -15.49 22.29
N LEU T 20 -52.35 -14.25 21.80
CA LEU T 20 -53.54 -13.40 21.86
C LEU T 20 -54.60 -13.92 20.90
N LEU T 21 -54.29 -15.01 20.21
CA LEU T 21 -55.21 -15.62 19.26
C LEU T 21 -55.68 -16.97 19.78
N TYR T 22 -54.75 -17.74 20.34
CA TYR T 22 -55.07 -19.06 20.87
C TYR T 22 -56.06 -18.93 22.03
N THR T 23 -56.20 -17.70 22.53
CA THR T 23 -57.12 -17.42 23.63
C THR T 23 -58.49 -17.05 23.05
N TRP T 24 -58.45 -16.48 21.85
CA TRP T 24 -59.67 -16.07 21.17
C TRP T 24 -60.36 -17.29 20.58
N VAL T 25 -59.56 -18.28 20.18
CA VAL T 25 -60.09 -19.51 19.61
C VAL T 25 -60.66 -20.42 20.69
N SER T 26 -59.92 -20.54 21.78
CA SER T 26 -60.34 -21.38 22.90
C SER T 26 -61.63 -20.86 23.53
N VAL U 1 -28.78 -15.87 10.65
CA VAL U 1 -29.29 -16.94 11.49
C VAL U 1 -30.29 -17.81 10.72
N SER U 2 -29.87 -18.29 9.55
CA SER U 2 -30.73 -19.13 8.72
C SER U 2 -30.73 -20.57 9.22
N PRO U 3 -29.54 -21.13 9.42
CA PRO U 3 -29.40 -22.53 9.90
C PRO U 3 -30.49 -22.87 10.91
N VAL U 4 -30.74 -21.96 11.84
CA VAL U 4 -31.76 -22.17 12.87
C VAL U 4 -33.10 -22.55 12.25
N ILE U 5 -33.43 -21.92 11.11
CA ILE U 5 -34.69 -22.20 10.43
C ILE U 5 -34.72 -23.63 9.93
N ALA U 6 -33.65 -24.05 9.26
CA ALA U 6 -33.57 -25.41 8.73
C ALA U 6 -33.54 -26.43 9.86
N THR U 7 -32.69 -26.17 10.86
CA THR U 7 -32.57 -27.07 12.01
C THR U 7 -33.91 -27.34 12.67
N LEU U 8 -34.83 -26.40 12.54
CA LEU U 8 -36.16 -26.55 13.13
C LEU U 8 -37.11 -27.26 12.17
N LEU U 9 -36.80 -27.19 10.88
CA LEU U 9 -37.64 -27.83 9.85
C LEU U 9 -37.68 -29.34 9.99
N LEU U 10 -36.52 -29.99 9.84
CA LEU U 10 -36.45 -31.45 9.95
C LEU U 10 -37.01 -31.92 11.28
N ILE U 11 -36.82 -31.12 12.32
CA ILE U 11 -37.32 -31.47 13.65
C ILE U 11 -38.85 -31.52 13.62
N LEU U 12 -39.46 -30.53 12.97
CA LEU U 12 -40.92 -30.47 12.86
C LEU U 12 -41.41 -31.70 12.10
N ILE U 13 -40.60 -32.16 11.16
CA ILE U 13 -40.94 -33.33 10.36
C ILE U 13 -40.87 -34.57 11.25
N ALA U 14 -39.91 -34.55 12.17
CA ALA U 14 -39.73 -35.67 13.10
C ALA U 14 -40.94 -35.75 14.02
N VAL U 15 -41.57 -34.61 14.28
CA VAL U 15 -42.75 -34.55 15.13
C VAL U 15 -43.96 -35.06 14.37
N ALA U 16 -44.16 -34.52 13.16
CA ALA U 16 -45.27 -34.92 12.31
C ALA U 16 -45.24 -36.42 12.10
N ALA U 17 -44.04 -36.95 11.84
CA ALA U 17 -43.86 -38.38 11.62
C ALA U 17 -44.16 -39.12 12.92
N ALA U 18 -43.71 -38.56 14.03
CA ALA U 18 -43.94 -39.16 15.34
C ALA U 18 -45.43 -39.26 15.62
N VAL U 19 -46.17 -38.26 15.16
CA VAL U 19 -47.61 -38.22 15.36
C VAL U 19 -48.28 -39.30 14.51
N LEU U 20 -47.76 -39.49 13.30
CA LEU U 20 -48.29 -40.50 12.40
C LEU U 20 -47.95 -41.90 12.91
N LEU U 21 -47.26 -41.96 14.04
CA LEU U 21 -46.88 -43.22 14.65
C LEU U 21 -47.63 -43.44 15.95
N TYR U 22 -47.77 -42.38 16.74
CA TYR U 22 -48.48 -42.46 18.01
C TYR U 22 -49.95 -42.81 17.76
N THR U 23 -50.38 -42.68 16.51
CA THR U 23 -51.76 -42.99 16.14
C THR U 23 -51.82 -44.46 15.71
N TRP U 24 -50.71 -44.97 15.20
CA TRP U 24 -50.62 -46.35 14.76
C TRP U 24 -50.49 -47.26 15.97
N VAL U 25 -49.84 -46.75 17.02
CA VAL U 25 -49.65 -47.52 18.25
C VAL U 25 -50.93 -47.55 19.07
N SER U 26 -51.58 -46.39 19.18
CA SER U 26 -52.82 -46.29 19.94
C SER U 26 -53.93 -47.15 19.31
#